data_8TLF
#
_entry.id   8TLF
#
_cell.length_a   89.400
_cell.length_b   31.492
_cell.length_c   133.324
_cell.angle_alpha   90.000
_cell.angle_beta   95.750
_cell.angle_gamma   90.000
#
_symmetry.space_group_name_H-M   'C 1 2 1'
#
loop_
_entity.id
_entity.type
_entity.pdbx_description
1 polymer 'Cell division cycle-associated protein 7'
2 polymer ssDNA
3 non-polymer GLYCEROL
4 non-polymer 1,2-ETHANEDIOL
5 non-polymer 'ZINC ION'
6 non-polymer 'MAGNESIUM ION'
7 water water
#
loop_
_entity_poly.entity_id
_entity_poly.type
_entity_poly.pdbx_seq_one_letter_code
_entity_poly.pdbx_strand_id
1 'polypeptide(L)'
;GPLGSMTLPHIIRPVEEVTEEEIRNICSNSREKIYNRSLGSTCHQCRQKTTDTKTNCRNPDCWGIRGQFCGPCLRNRYGE
EVKDALLDPNWHCPPCRGICNCSFCRQRDGRCATGVLVYLAKYHGFGNVHAYLKSLKQEFEMQA
;
A,B
2 'polydeoxyribonucleotide'
;(DA)(DG)(DC)(DG)(DA)(DC)(DG)(DC)(DC)(DC)(DT)(DG)(DT)(DC)(DG)(DC)(DT)(DG)(DA)(DG)
(DA)(DA)(DG)(DC)(DG)(DT)(DT)(DT)(DG)(DC)(DG)(DT)(DC)(DG)(DC)(DA)
;
X,Y
#
loop_
_chem_comp.id
_chem_comp.type
_chem_comp.name
_chem_comp.formula
DA DNA linking 2'-DEOXYADENOSINE-5'-MONOPHOSPHATE 'C10 H14 N5 O6 P'
DC DNA linking 2'-DEOXYCYTIDINE-5'-MONOPHOSPHATE 'C9 H14 N3 O7 P'
DG DNA linking 2'-DEOXYGUANOSINE-5'-MONOPHOSPHATE 'C10 H14 N5 O7 P'
DT DNA linking THYMIDINE-5'-MONOPHOSPHATE 'C10 H15 N2 O8 P'
EDO non-polymer 1,2-ETHANEDIOL 'C2 H6 O2'
GOL non-polymer GLYCEROL 'C3 H8 O3'
MG non-polymer 'MAGNESIUM ION' 'Mg 2'
ZN non-polymer 'ZINC ION' 'Zn 2'
#
# COMPACT_ATOMS: atom_id res chain seq x y z
N SER A 5 3.95 -27.11 24.40
CA SER A 5 2.95 -26.98 23.33
C SER A 5 2.87 -25.55 22.83
N MET A 6 2.79 -25.38 21.51
CA MET A 6 2.67 -24.07 20.89
C MET A 6 1.22 -23.65 20.68
N THR A 7 0.26 -24.47 21.11
CA THR A 7 -1.15 -24.22 20.85
C THR A 7 -1.77 -23.45 22.00
N LEU A 8 -2.40 -22.32 21.69
CA LEU A 8 -3.15 -21.59 22.69
C LEU A 8 -4.41 -22.37 23.07
N PRO A 9 -4.76 -22.42 24.36
CA PRO A 9 -5.98 -23.14 24.75
C PRO A 9 -7.21 -22.53 24.12
N HIS A 10 -8.14 -23.41 23.69
CA HIS A 10 -9.38 -22.99 23.09
C HIS A 10 -10.46 -22.98 24.16
N ILE A 11 -11.11 -21.83 24.34
CA ILE A 11 -12.16 -21.65 25.34
C ILE A 11 -13.44 -21.25 24.62
N ILE A 12 -14.53 -21.94 24.94
CA ILE A 12 -15.83 -21.70 24.31
C ILE A 12 -16.57 -20.64 25.11
N ARG A 13 -16.94 -19.55 24.43
CA ARG A 13 -17.64 -18.45 25.08
C ARG A 13 -19.13 -18.61 24.87
N PRO A 14 -19.93 -18.69 25.94
CA PRO A 14 -21.39 -18.81 25.77
C PRO A 14 -21.99 -17.60 25.06
N VAL A 15 -23.09 -17.84 24.35
CA VAL A 15 -23.74 -16.76 23.60
C VAL A 15 -24.28 -15.69 24.52
N GLU A 16 -24.77 -16.08 25.70
CA GLU A 16 -25.34 -15.10 26.63
C GLU A 16 -24.29 -14.18 27.24
N GLU A 17 -23.00 -14.48 27.07
CA GLU A 17 -21.93 -13.64 27.59
C GLU A 17 -21.38 -12.68 26.54
N VAL A 18 -22.01 -12.60 25.37
CA VAL A 18 -21.59 -11.65 24.35
C VAL A 18 -22.26 -10.31 24.64
N THR A 19 -21.44 -9.26 24.71
CA THR A 19 -21.91 -7.93 25.09
C THR A 19 -22.11 -7.04 23.86
N GLU A 20 -22.78 -5.92 24.09
CA GLU A 20 -23.03 -4.96 23.02
C GLU A 20 -21.73 -4.35 22.50
N GLU A 21 -20.80 -4.04 23.41
CA GLU A 21 -19.55 -3.42 23.01
C GLU A 21 -18.75 -4.32 22.07
N GLU A 22 -18.75 -5.63 22.34
CA GLU A 22 -18.06 -6.56 21.47
C GLU A 22 -18.70 -6.59 20.08
N ILE A 23 -20.03 -6.55 20.01
CA ILE A 23 -20.72 -6.51 18.73
C ILE A 23 -20.35 -5.23 17.97
N ARG A 24 -20.32 -4.09 18.67
CA ARG A 24 -19.96 -2.84 18.04
C ARG A 24 -18.50 -2.81 17.59
N ASN A 25 -17.65 -3.65 18.17
CA ASN A 25 -16.23 -3.67 17.85
C ASN A 25 -15.91 -4.63 16.70
N ILE A 26 -16.91 -5.24 16.08
CA ILE A 26 -16.67 -6.06 14.91
C ILE A 26 -16.18 -5.18 13.77
N CYS A 27 -15.09 -5.59 13.13
CA CYS A 27 -14.49 -4.79 12.07
C CYS A 27 -15.41 -4.72 10.86
N SER A 28 -15.57 -3.53 10.30
CA SER A 28 -16.36 -3.32 9.09
C SER A 28 -15.51 -3.01 7.87
N ASN A 29 -14.23 -2.68 8.04
CA ASN A 29 -13.32 -2.43 6.94
C ASN A 29 -11.92 -2.78 7.40
N SER A 30 -11.25 -3.68 6.66
CA SER A 30 -9.98 -4.23 7.13
C SER A 30 -8.91 -3.15 7.28
N ARG A 31 -9.03 -2.05 6.53
CA ARG A 31 -8.05 -0.97 6.65
C ARG A 31 -8.22 -0.15 7.93
N GLU A 32 -9.29 -0.35 8.68
CA GLU A 32 -9.55 0.38 9.90
C GLU A 32 -9.16 -0.40 11.16
N LYS A 33 -8.49 -1.54 11.00
CA LYS A 33 -8.13 -2.36 12.14
C LYS A 33 -7.05 -1.68 12.98
N ILE A 34 -7.07 -1.98 14.28
CA ILE A 34 -6.07 -1.49 15.23
C ILE A 34 -5.23 -2.68 15.68
N TYR A 35 -3.93 -2.63 15.41
CA TYR A 35 -3.02 -3.71 15.73
C TYR A 35 -2.54 -3.59 17.17
N ASN A 36 -2.39 -4.74 17.83
CA ASN A 36 -1.87 -4.78 19.19
C ASN A 36 -1.29 -6.17 19.42
N ARG A 37 0.02 -6.25 19.67
CA ARG A 37 0.67 -7.53 19.81
C ARG A 37 0.30 -8.26 21.09
N SER A 38 -0.15 -7.54 22.12
CA SER A 38 -0.49 -8.14 23.41
C SER A 38 -1.98 -8.37 23.59
N LEU A 39 -2.81 -7.38 23.29
CA LEU A 39 -4.24 -7.47 23.51
C LEU A 39 -5.02 -7.92 22.28
N GLY A 40 -4.38 -7.96 21.11
CA GLY A 40 -5.07 -8.32 19.90
C GLY A 40 -5.31 -9.82 19.77
N SER A 41 -6.14 -10.18 18.80
CA SER A 41 -6.40 -11.56 18.46
C SER A 41 -6.17 -11.74 16.97
N THR A 42 -5.69 -12.93 16.60
CA THR A 42 -5.33 -13.22 15.22
C THR A 42 -6.51 -13.84 14.48
N CYS A 43 -6.81 -13.27 13.31
CA CYS A 43 -7.79 -13.86 12.41
C CYS A 43 -7.12 -14.97 11.61
N HIS A 44 -7.76 -16.15 11.56
CA HIS A 44 -7.17 -17.28 10.86
C HIS A 44 -7.03 -17.00 9.36
N GLN A 45 -7.97 -16.25 8.78
CA GLN A 45 -7.97 -16.05 7.33
C GLN A 45 -6.85 -15.11 6.90
N CYS A 46 -6.84 -13.89 7.44
CA CYS A 46 -5.87 -12.88 7.03
C CYS A 46 -4.62 -12.85 7.89
N ARG A 47 -4.59 -13.60 9.00
CA ARG A 47 -3.41 -13.75 9.85
C ARG A 47 -2.92 -12.41 10.42
N GLN A 48 -3.85 -11.50 10.68
CA GLN A 48 -3.56 -10.22 11.31
C GLN A 48 -4.04 -10.24 12.75
N LYS A 49 -3.19 -9.79 13.67
CA LYS A 49 -3.50 -9.79 15.10
C LYS A 49 -3.96 -8.37 15.48
N THR A 50 -5.27 -8.21 15.66
CA THR A 50 -5.86 -6.91 15.89
C THR A 50 -6.90 -7.01 17.00
N THR A 51 -7.39 -5.85 17.44
CA THR A 51 -8.27 -5.76 18.61
C THR A 51 -9.75 -5.85 18.27
N ASP A 52 -10.12 -5.97 17.00
CA ASP A 52 -11.53 -6.08 16.67
C ASP A 52 -12.08 -7.44 17.09
N THR A 53 -13.39 -7.48 17.31
CA THR A 53 -14.05 -8.71 17.74
C THR A 53 -14.02 -9.75 16.64
N LYS A 54 -13.74 -11.00 17.02
CA LYS A 54 -13.64 -12.10 16.08
C LYS A 54 -14.52 -13.26 16.56
N THR A 55 -14.75 -14.21 15.66
CA THR A 55 -15.62 -15.33 15.96
C THR A 55 -14.99 -16.25 16.99
N ASN A 56 -15.84 -17.07 17.61
CA ASN A 56 -15.43 -18.06 18.60
C ASN A 56 -16.08 -19.39 18.22
N CYS A 57 -15.26 -20.35 17.78
CA CYS A 57 -15.79 -21.66 17.42
C CYS A 57 -16.27 -22.40 18.67
N ARG A 58 -17.49 -22.91 18.62
CA ARG A 58 -18.10 -23.59 19.76
C ARG A 58 -18.08 -25.11 19.61
N ASN A 59 -17.30 -25.63 18.67
CA ASN A 59 -17.10 -27.06 18.58
C ASN A 59 -16.09 -27.50 19.65
N PRO A 60 -16.46 -28.42 20.55
CA PRO A 60 -15.50 -28.84 21.58
C PRO A 60 -14.25 -29.48 21.01
N ASP A 61 -14.31 -30.05 19.81
CA ASP A 61 -13.16 -30.69 19.19
C ASP A 61 -12.22 -29.70 18.53
N CYS A 62 -12.59 -28.42 18.47
CA CYS A 62 -11.71 -27.41 17.90
C CYS A 62 -10.56 -27.12 18.86
N TRP A 63 -9.50 -26.52 18.32
CA TRP A 63 -8.31 -26.23 19.12
C TRP A 63 -7.63 -24.99 18.56
N GLY A 64 -6.85 -24.33 19.42
CA GLY A 64 -6.06 -23.19 18.98
C GLY A 64 -6.93 -22.01 18.58
N ILE A 65 -6.42 -21.24 17.61
CA ILE A 65 -7.07 -20.02 17.14
C ILE A 65 -7.62 -20.19 15.73
N ARG A 66 -7.70 -21.43 15.23
CA ARG A 66 -8.19 -21.65 13.87
C ARG A 66 -9.63 -21.19 13.71
N GLY A 67 -10.39 -21.09 14.81
CA GLY A 67 -11.77 -20.68 14.77
C GLY A 67 -12.03 -19.19 14.86
N GLN A 68 -10.98 -18.36 14.86
CA GLN A 68 -11.12 -16.92 15.00
C GLN A 68 -11.06 -16.26 13.63
N PHE A 69 -12.15 -15.58 13.26
CA PHE A 69 -12.25 -14.87 11.99
C PHE A 69 -12.74 -13.45 12.23
N CYS A 70 -12.15 -12.51 11.50
CA CYS A 70 -12.56 -11.11 11.61
C CYS A 70 -13.82 -10.87 10.78
N GLY A 71 -14.36 -9.65 10.92
CA GLY A 71 -15.57 -9.27 10.21
C GLY A 71 -15.46 -9.37 8.70
N PRO A 72 -14.54 -8.59 8.10
CA PRO A 72 -14.43 -8.62 6.64
C PRO A 72 -14.11 -10.00 6.07
N CYS A 73 -13.24 -10.77 6.73
CA CYS A 73 -12.87 -12.08 6.20
C CYS A 73 -14.05 -13.04 6.22
N LEU A 74 -14.83 -13.04 7.29
CA LEU A 74 -15.97 -13.96 7.37
C LEU A 74 -17.02 -13.64 6.31
N ARG A 75 -17.31 -12.36 6.10
CA ARG A 75 -18.35 -12.00 5.14
C ARG A 75 -17.86 -12.12 3.69
N ASN A 76 -16.60 -11.76 3.44
CA ASN A 76 -16.08 -11.80 2.08
C ASN A 76 -15.73 -13.22 1.63
N ARG A 77 -15.25 -14.07 2.54
CA ARG A 77 -14.79 -15.40 2.15
C ARG A 77 -15.84 -16.49 2.38
N TYR A 78 -16.83 -16.25 3.23
CA TYR A 78 -17.82 -17.28 3.54
C TYR A 78 -19.26 -16.77 3.57
N GLY A 79 -19.49 -15.48 3.37
CA GLY A 79 -20.85 -14.96 3.37
C GLY A 79 -21.57 -15.08 4.68
N GLU A 80 -20.85 -14.95 5.79
CA GLU A 80 -21.43 -15.02 7.12
C GLU A 80 -21.02 -13.80 7.92
N GLU A 81 -21.89 -13.38 8.83
CA GLU A 81 -21.64 -12.24 9.70
C GLU A 81 -21.12 -12.70 11.05
N VAL A 82 -20.12 -11.99 11.57
CA VAL A 82 -19.55 -12.34 12.87
C VAL A 82 -20.59 -12.23 13.97
N LYS A 83 -21.47 -11.22 13.87
CA LYS A 83 -22.51 -11.06 14.88
C LYS A 83 -23.43 -12.27 14.94
N ASP A 84 -23.81 -12.80 13.78
CA ASP A 84 -24.63 -14.00 13.75
C ASP A 84 -23.87 -15.20 14.32
N ALA A 85 -22.57 -15.31 14.00
CA ALA A 85 -21.78 -16.42 14.50
C ALA A 85 -21.63 -16.35 16.02
N LEU A 86 -21.43 -15.15 16.57
CA LEU A 86 -21.26 -15.00 18.01
C LEU A 86 -22.52 -15.36 18.77
N LEU A 87 -23.70 -15.13 18.17
CA LEU A 87 -24.97 -15.44 18.80
C LEU A 87 -25.49 -16.82 18.44
N ASP A 88 -24.72 -17.61 17.69
CA ASP A 88 -25.14 -18.96 17.31
C ASP A 88 -24.47 -19.95 18.24
N PRO A 89 -25.22 -20.63 19.12
CA PRO A 89 -24.58 -21.58 20.05
C PRO A 89 -23.97 -22.80 19.38
N ASN A 90 -24.35 -23.10 18.13
CA ASN A 90 -23.86 -24.28 17.42
C ASN A 90 -22.95 -23.92 16.26
N TRP A 91 -22.40 -22.70 16.26
CA TRP A 91 -21.57 -22.27 15.13
C TRP A 91 -20.21 -22.98 15.16
N HIS A 92 -19.82 -23.52 14.01
CA HIS A 92 -18.51 -24.14 13.83
C HIS A 92 -17.72 -23.36 12.79
N CYS A 93 -16.41 -23.24 13.03
CA CYS A 93 -15.56 -22.48 12.13
C CYS A 93 -15.39 -23.22 10.80
N PRO A 94 -15.06 -22.49 9.74
CA PRO A 94 -14.86 -23.13 8.43
C PRO A 94 -13.80 -24.22 8.46
N PRO A 95 -12.70 -24.07 9.22
CA PRO A 95 -11.80 -25.21 9.38
C PRO A 95 -12.47 -26.45 9.96
N CYS A 96 -13.36 -26.28 10.93
CA CYS A 96 -14.08 -27.42 11.50
C CYS A 96 -15.05 -28.02 10.48
N ARG A 97 -15.63 -27.19 9.61
CA ARG A 97 -16.50 -27.67 8.56
C ARG A 97 -15.72 -28.14 7.33
N GLY A 98 -14.40 -28.00 7.33
CA GLY A 98 -13.60 -28.42 6.20
C GLY A 98 -13.87 -27.64 4.93
N ILE A 99 -14.12 -26.33 5.05
CA ILE A 99 -14.45 -25.50 3.90
C ILE A 99 -13.60 -24.24 3.90
N CYS A 100 -12.56 -24.21 4.73
CA CYS A 100 -11.70 -23.05 4.80
C CYS A 100 -10.97 -22.85 3.47
N ASN A 101 -10.94 -21.62 2.98
CA ASN A 101 -10.32 -21.30 1.70
C ASN A 101 -9.16 -20.32 1.86
N CYS A 102 -8.55 -20.29 3.05
CA CYS A 102 -7.37 -19.47 3.25
C CYS A 102 -6.20 -20.06 2.46
N SER A 103 -5.14 -19.26 2.32
CA SER A 103 -4.01 -19.65 1.49
C SER A 103 -3.33 -20.92 1.99
N PHE A 104 -3.43 -21.21 3.29
CA PHE A 104 -2.79 -22.41 3.80
C PHE A 104 -3.68 -23.64 3.64
N CYS A 105 -4.98 -23.51 3.97
CA CYS A 105 -5.87 -24.66 3.98
C CYS A 105 -6.25 -25.14 2.58
N ARG A 106 -6.34 -24.24 1.61
CA ARG A 106 -6.75 -24.66 0.27
C ARG A 106 -5.61 -25.30 -0.52
N GLN A 107 -4.39 -25.31 0.02
CA GLN A 107 -3.31 -26.03 -0.63
C GLN A 107 -3.59 -27.53 -0.66
N ARG A 108 -4.09 -28.08 0.44
CA ARG A 108 -4.39 -29.50 0.52
C ARG A 108 -5.82 -29.74 0.98
N SER B 5 6.80 34.10 -2.88
CA SER B 5 6.59 33.21 -4.02
C SER B 5 6.73 31.74 -3.60
N MET B 6 5.83 30.91 -4.11
CA MET B 6 5.84 29.48 -3.82
C MET B 6 6.63 28.68 -4.85
N THR B 7 7.25 29.35 -5.83
CA THR B 7 7.95 28.68 -6.91
C THR B 7 9.43 28.53 -6.59
N LEU B 8 9.91 27.30 -6.65
CA LEU B 8 11.33 27.06 -6.49
C LEU B 8 12.10 27.59 -7.70
N PRO B 9 13.25 28.23 -7.49
CA PRO B 9 14.02 28.72 -8.64
C PRO B 9 14.44 27.59 -9.56
N HIS B 10 14.40 27.86 -10.86
CA HIS B 10 14.78 26.88 -11.87
C HIS B 10 16.22 27.15 -12.30
N ILE B 11 17.08 26.14 -12.15
CA ILE B 11 18.49 26.25 -12.45
C ILE B 11 18.81 25.28 -13.58
N ILE B 12 19.40 25.80 -14.65
CA ILE B 12 19.79 24.98 -15.78
C ILE B 12 21.20 24.45 -15.54
N ARG B 13 21.33 23.14 -15.44
CA ARG B 13 22.63 22.52 -15.21
C ARG B 13 23.27 22.13 -16.53
N PRO B 14 24.49 22.59 -16.82
CA PRO B 14 25.13 22.25 -18.09
C PRO B 14 25.36 20.75 -18.23
N VAL B 15 25.38 20.30 -19.48
CA VAL B 15 25.63 18.88 -19.76
C VAL B 15 27.01 18.47 -19.26
N GLU B 16 28.00 19.37 -19.41
CA GLU B 16 29.35 19.05 -18.99
C GLU B 16 29.46 18.82 -17.48
N GLU B 17 28.52 19.35 -16.70
CA GLU B 17 28.55 19.19 -15.25
C GLU B 17 27.77 17.98 -14.76
N VAL B 18 27.21 17.17 -15.66
CA VAL B 18 26.52 15.96 -15.26
C VAL B 18 27.54 14.88 -14.95
N THR B 19 27.48 14.34 -13.73
CA THR B 19 28.48 13.39 -13.27
C THR B 19 28.01 11.96 -13.50
N GLU B 20 28.97 11.03 -13.41
CA GLU B 20 28.66 9.62 -13.59
C GLU B 20 27.79 9.09 -12.47
N GLU B 21 27.96 9.61 -11.25
CA GLU B 21 27.14 9.18 -10.13
C GLU B 21 25.67 9.52 -10.35
N GLU B 22 25.40 10.71 -10.88
CA GLU B 22 24.02 11.10 -11.16
C GLU B 22 23.39 10.20 -12.21
N ILE B 23 24.14 9.85 -13.25
CA ILE B 23 23.62 8.95 -14.29
C ILE B 23 23.30 7.59 -13.69
N ARG B 24 24.20 7.07 -12.85
CA ARG B 24 24.00 5.77 -12.24
C ARG B 24 22.84 5.75 -11.25
N ASN B 25 22.45 6.90 -10.72
CA ASN B 25 21.37 7.00 -9.76
C ASN B 25 20.00 7.19 -10.42
N ILE B 26 19.92 7.11 -11.74
CA ILE B 26 18.63 7.20 -12.42
C ILE B 26 17.80 5.98 -12.07
N CYS B 27 16.55 6.22 -11.66
CA CYS B 27 15.67 5.14 -11.24
C CYS B 27 15.31 4.23 -12.41
N SER B 28 15.36 2.92 -12.17
CA SER B 28 14.98 1.92 -13.16
C SER B 28 13.56 1.40 -12.96
N ASN B 29 13.16 1.16 -11.70
CA ASN B 29 11.80 0.76 -11.37
C ASN B 29 11.33 1.58 -10.19
N SER B 30 10.10 2.08 -10.28
CA SER B 30 9.59 3.01 -9.27
C SER B 30 9.48 2.36 -7.89
N ARG B 31 9.44 1.03 -7.81
CA ARG B 31 9.35 0.35 -6.53
C ARG B 31 10.64 0.42 -5.74
N GLU B 32 11.75 0.82 -6.36
CA GLU B 32 13.04 0.90 -5.68
C GLU B 32 13.40 2.33 -5.30
N LYS B 33 12.45 3.27 -5.41
CA LYS B 33 12.72 4.66 -5.06
C LYS B 33 12.89 4.82 -3.56
N ILE B 34 13.72 5.80 -3.18
CA ILE B 34 13.96 6.14 -1.78
C ILE B 34 13.42 7.54 -1.55
N TYR B 35 12.49 7.67 -0.60
CA TYR B 35 11.86 8.94 -0.29
C TYR B 35 12.69 9.73 0.72
N ASN B 36 12.81 11.04 0.48
CA ASN B 36 13.52 11.92 1.40
C ASN B 36 13.01 13.34 1.16
N ARG B 37 12.38 13.92 2.19
CA ARG B 37 11.82 15.26 2.05
CA ARG B 37 11.82 15.25 2.04
C ARG B 37 12.89 16.33 1.96
N SER B 38 14.10 16.07 2.44
CA SER B 38 15.15 17.08 2.44
C SER B 38 16.05 16.98 1.22
N LEU B 39 16.55 15.78 0.91
CA LEU B 39 17.49 15.59 -0.18
C LEU B 39 16.82 15.17 -1.49
N GLY B 40 15.54 14.81 -1.46
CA GLY B 40 14.88 14.33 -2.65
C GLY B 40 14.41 15.45 -3.57
N SER B 41 13.96 15.03 -4.75
CA SER B 41 13.39 15.93 -5.75
C SER B 41 12.11 15.32 -6.28
N THR B 42 11.15 16.19 -6.61
CA THR B 42 9.82 15.76 -7.01
C THR B 42 9.74 15.58 -8.52
N CYS B 43 9.21 14.44 -8.95
CA CYS B 43 8.91 14.21 -10.35
C CYS B 43 7.56 14.83 -10.69
N HIS B 44 7.52 15.62 -11.77
CA HIS B 44 6.27 16.28 -12.14
C HIS B 44 5.17 15.29 -12.48
N GLN B 45 5.53 14.16 -13.08
CA GLN B 45 4.52 13.21 -13.55
C GLN B 45 3.85 12.48 -12.39
N CYS B 46 4.65 11.76 -11.59
CA CYS B 46 4.11 10.95 -10.50
C CYS B 46 4.02 11.69 -9.18
N ARG B 47 4.56 12.91 -9.10
CA ARG B 47 4.44 13.76 -7.91
C ARG B 47 5.02 13.11 -6.66
N GLN B 48 6.10 12.35 -6.84
CA GLN B 48 6.81 11.71 -5.74
C GLN B 48 8.17 12.38 -5.57
N LYS B 49 8.51 12.72 -4.34
CA LYS B 49 9.77 13.39 -4.01
C LYS B 49 10.76 12.34 -3.52
N THR B 50 11.69 11.95 -4.38
CA THR B 50 12.62 10.87 -4.09
C THR B 50 14.03 11.28 -4.49
N THR B 51 15.00 10.45 -4.11
CA THR B 51 16.42 10.80 -4.25
C THR B 51 17.02 10.41 -5.61
N ASP B 52 16.27 9.72 -6.47
CA ASP B 52 16.81 9.35 -7.77
C ASP B 52 16.94 10.58 -8.67
N THR B 53 17.87 10.50 -9.61
CA THR B 53 18.14 11.61 -10.51
C THR B 53 16.95 11.89 -11.42
N LYS B 54 16.61 13.16 -11.55
CA LYS B 54 15.53 13.61 -12.42
C LYS B 54 16.10 14.37 -13.61
N THR B 55 15.23 14.62 -14.58
CA THR B 55 15.62 15.43 -15.73
C THR B 55 15.74 16.89 -15.33
N ASN B 56 16.42 17.66 -16.18
CA ASN B 56 16.60 19.09 -15.97
C ASN B 56 16.24 19.80 -17.27
N CYS B 57 15.13 20.53 -17.27
CA CYS B 57 14.73 21.28 -18.45
C CYS B 57 15.71 22.43 -18.68
N ARG B 58 16.20 22.54 -19.91
CA ARG B 58 17.18 23.56 -20.27
C ARG B 58 16.56 24.72 -21.04
N ASN B 59 15.24 24.80 -21.09
CA ASN B 59 14.58 25.96 -21.67
C ASN B 59 14.63 27.12 -20.69
N PRO B 60 15.21 28.27 -21.06
CA PRO B 60 15.26 29.40 -20.12
C PRO B 60 13.89 29.89 -19.69
N ASP B 61 12.86 29.69 -20.50
CA ASP B 61 11.52 30.13 -20.15
C ASP B 61 10.82 29.20 -19.18
N CYS B 62 11.40 28.04 -18.87
CA CYS B 62 10.82 27.13 -17.90
C CYS B 62 10.96 27.69 -16.48
N TRP B 63 10.13 27.18 -15.58
CA TRP B 63 10.13 27.66 -14.20
C TRP B 63 9.73 26.52 -13.27
N GLY B 64 10.14 26.66 -12.01
CA GLY B 64 9.74 25.68 -11.00
C GLY B 64 10.32 24.30 -11.24
N ILE B 65 9.56 23.29 -10.83
CA ILE B 65 9.98 21.90 -10.93
C ILE B 65 9.19 21.15 -12.00
N ARG B 66 8.46 21.86 -12.87
CA ARG B 66 7.66 21.19 -13.88
C ARG B 66 8.51 20.40 -14.86
N GLY B 67 9.80 20.72 -14.97
CA GLY B 67 10.70 20.03 -15.87
C GLY B 67 11.43 18.83 -15.29
N GLN B 68 11.09 18.41 -14.07
CA GLN B 68 11.76 17.31 -13.40
C GLN B 68 10.94 16.04 -13.57
N PHE B 69 11.51 15.04 -14.26
CA PHE B 69 10.85 13.77 -14.49
C PHE B 69 11.78 12.63 -14.08
N CYS B 70 11.21 11.61 -13.45
CA CYS B 70 11.98 10.45 -13.02
C CYS B 70 12.19 9.49 -14.18
N GLY B 71 13.01 8.48 -13.94
CA GLY B 71 13.33 7.49 -14.94
C GLY B 71 12.12 6.78 -15.51
N PRO B 72 11.40 6.04 -14.66
CA PRO B 72 10.21 5.30 -15.17
C PRO B 72 9.16 6.18 -15.81
N CYS B 73 8.91 7.37 -15.25
CA CYS B 73 7.86 8.22 -15.81
C CYS B 73 8.22 8.72 -17.20
N LEU B 74 9.47 9.11 -17.40
CA LEU B 74 9.87 9.65 -18.71
C LEU B 74 9.79 8.57 -19.79
N ARG B 75 10.25 7.35 -19.49
CA ARG B 75 10.25 6.30 -20.50
C ARG B 75 8.85 5.74 -20.75
N ASN B 76 8.05 5.61 -19.69
CA ASN B 76 6.72 5.02 -19.83
C ASN B 76 5.71 5.99 -20.44
N ARG B 77 5.81 7.28 -20.12
CA ARG B 77 4.83 8.25 -20.57
C ARG B 77 5.26 9.04 -21.80
N TYR B 78 6.56 9.06 -22.12
CA TYR B 78 7.04 9.84 -23.25
C TYR B 78 8.07 9.11 -24.11
N GLY B 79 8.46 7.89 -23.75
CA GLY B 79 9.40 7.15 -24.57
C GLY B 79 10.78 7.77 -24.66
N GLU B 80 11.24 8.41 -23.59
CA GLU B 80 12.55 9.04 -23.55
C GLU B 80 13.30 8.59 -22.30
N GLU B 81 14.61 8.51 -22.43
CA GLU B 81 15.47 8.13 -21.32
C GLU B 81 16.03 9.36 -20.63
N VAL B 82 16.06 9.33 -19.30
CA VAL B 82 16.58 10.45 -18.52
C VAL B 82 18.05 10.67 -18.84
N LYS B 83 18.80 9.60 -19.05
CA LYS B 83 20.22 9.73 -19.38
C LYS B 83 20.41 10.51 -20.68
N ASP B 84 19.59 10.22 -21.69
CA ASP B 84 19.65 10.99 -22.93
C ASP B 84 19.25 12.44 -22.70
N ALA B 85 18.22 12.67 -21.89
CA ALA B 85 17.76 14.03 -21.63
C ALA B 85 18.81 14.84 -20.88
N LEU B 86 19.48 14.23 -19.90
CA LEU B 86 20.49 14.95 -19.13
C LEU B 86 21.70 15.32 -19.99
N LEU B 87 21.98 14.56 -21.04
CA LEU B 87 23.10 14.81 -21.92
C LEU B 87 22.69 15.56 -23.18
N ASP B 88 21.46 16.05 -23.26
CA ASP B 88 20.99 16.81 -24.40
C ASP B 88 20.98 18.29 -24.04
N PRO B 89 21.83 19.11 -24.66
CA PRO B 89 21.87 20.53 -24.30
C PRO B 89 20.61 21.30 -24.66
N ASN B 90 19.76 20.77 -25.55
CA ASN B 90 18.57 21.45 -26.00
C ASN B 90 17.28 20.75 -25.57
N TRP B 91 17.36 19.89 -24.55
CA TRP B 91 16.19 19.14 -24.13
C TRP B 91 15.19 20.05 -23.42
N HIS B 92 13.92 19.94 -23.81
CA HIS B 92 12.83 20.67 -23.18
C HIS B 92 11.85 19.68 -22.59
N CYS B 93 11.29 20.03 -21.43
CA CYS B 93 10.36 19.15 -20.74
C CYS B 93 9.04 19.07 -21.50
N PRO B 94 8.28 17.98 -21.30
CA PRO B 94 6.99 17.84 -21.98
C PRO B 94 6.04 19.00 -21.68
N PRO B 95 6.02 19.54 -20.45
CA PRO B 95 5.24 20.77 -20.24
C PRO B 95 5.64 21.92 -21.14
N CYS B 96 6.95 22.10 -21.39
CA CYS B 96 7.39 23.16 -22.29
C CYS B 96 6.99 22.84 -23.74
N ARG B 97 7.03 21.57 -24.12
CA ARG B 97 6.58 21.16 -25.45
C ARG B 97 5.07 21.05 -25.55
N GLY B 98 4.35 21.22 -24.45
CA GLY B 98 2.89 21.12 -24.46
C GLY B 98 2.37 19.74 -24.76
N ILE B 99 3.06 18.70 -24.29
CA ILE B 99 2.67 17.33 -24.57
C ILE B 99 2.60 16.53 -23.27
N CYS B 100 2.62 17.21 -22.14
CA CYS B 100 2.56 16.53 -20.86
C CYS B 100 1.21 15.84 -20.69
N ASN B 101 1.23 14.58 -20.26
CA ASN B 101 0.02 13.78 -20.11
C ASN B 101 -0.22 13.38 -18.65
N CYS B 102 0.28 14.18 -17.71
CA CYS B 102 0.00 13.92 -16.30
C CYS B 102 -1.46 14.22 -16.00
N SER B 103 -1.91 13.77 -14.81
CA SER B 103 -3.32 13.89 -14.46
C SER B 103 -3.78 15.33 -14.44
N PHE B 104 -2.91 16.25 -13.97
CA PHE B 104 -3.29 17.65 -13.93
C PHE B 104 -3.33 18.26 -15.31
N CYS B 105 -2.34 17.96 -16.15
CA CYS B 105 -2.24 18.58 -17.47
C CYS B 105 -3.21 17.99 -18.48
N ARG B 106 -3.69 16.76 -18.27
CA ARG B 106 -4.62 16.17 -19.22
C ARG B 106 -5.98 16.87 -19.19
N GLN B 107 -6.44 17.26 -18.00
CA GLN B 107 -7.78 17.82 -17.84
C GLN B 107 -7.86 19.28 -18.26
N ARG B 108 -6.74 19.92 -18.59
CA ARG B 108 -6.77 21.32 -19.02
C ARG B 108 -6.33 21.45 -20.47
C1 GOL E . -16.27 -22.39 1.25
O1 GOL E . -15.23 -21.97 0.44
C2 GOL E . -17.56 -21.69 0.76
O2 GOL E . -18.62 -21.89 1.62
C3 GOL E . -17.16 -20.19 0.65
O3 GOL E . -18.27 -19.53 0.13
C1 EDO F . -23.53 -17.48 11.00
O1 EDO F . -24.46 -17.36 9.92
C2 EDO F . -24.22 -18.11 12.20
O2 EDO F . -24.66 -19.42 11.86
ZN ZN G . -9.34 -11.61 8.65
ZN ZN H . -7.57 -22.02 6.86
ZN ZN I . -13.49 -24.87 14.96
ZN ZN J . 7.75 10.02 -11.89
ZN ZN K . 1.96 17.86 -16.36
ZN ZN L . 10.47 23.10 -19.18
C1 EDO M . 8.77 -7.66 15.60
O1 EDO M . 9.36 -6.40 15.96
C2 EDO M . 9.71 -8.41 14.68
O2 EDO M . 9.92 -7.64 13.49
C1 GOL N . -6.90 -70.56 14.58
O1 GOL N . -7.94 -71.48 14.42
C2 GOL N . -5.62 -71.23 14.05
O2 GOL N . -4.48 -70.50 14.33
C3 GOL N . -5.59 -72.64 14.70
O3 GOL N . -4.68 -73.39 13.98
MG MG O . 3.44 -5.94 12.10
MG MG P . -6.36 -13.59 -13.99
MG MG Q . -7.01 -30.70 24.40
MG MG R . 11.76 34.27 -13.11
C1 EDO S . 0.83 19.34 2.73
O1 EDO S . 0.66 17.92 2.62
C2 EDO S . 0.46 20.00 1.41
O2 EDO S . -0.89 19.65 1.06
#